data_2OD7
#
_entry.id   2OD7
#
_cell.length_a   106.759
_cell.length_b   106.759
_cell.length_c   67.689
_cell.angle_alpha   90.00
_cell.angle_beta   90.00
_cell.angle_gamma   120.00
#
_symmetry.space_group_name_H-M   'P 32 2 1'
#
loop_
_entity.id
_entity.type
_entity.pdbx_description
1 polymer 'NAD-dependent deacetylase HST2'
2 polymer 'Acetylated histone H4 peptide'
3 non-polymer 'ZINC ION'
4 non-polymer "5'-O-[(S)-{[(S)-{[(2R,3R,4S)-3,4-DIHYDROXYPYRROLIDIN-2-YL]METHOXY}(HYDROXY)PHOSPHORYL]OXY}(HYDROXY)PHOSPHORYL]ADENOSINE"
5 water water
#
loop_
_entity_poly.entity_id
_entity_poly.type
_entity_poly.pdbx_seq_one_letter_code
_entity_poly.pdbx_strand_id
1 'polypeptide(L)'
;MRGSHHHHHHGMASMSVSTASTEMSVRKIAAHMKSNPNAKVIFMVGAGISTSCGIPDFRSPGTGLYHNLARLKLPYPEAV
FDVDFFQSDPLPFYTLAKELYPGNFRPSKFHYLLKLFQDKDVLKRVYTQNIDTLERQAGVKDDLIIEAHGSFAHCHCIGC
GKVYPPQVFKSKLAEHPIKDFVKCDVCGELVKPAIVFFGEDLPDSFSETWLNDSEWLREKITTSGKHPQQPLVIVVGTSL
AVYPFASLPEEIPRKVKRVLCNLETVGDFKANKRPTDLIVHQYSDEFAEQLVEELGWQEDFEKILTAQ
;
A
2 'polypeptide(L)' KGGA(ALY)RHRKILTAQ B
#
loop_
_chem_comp.id
_chem_comp.type
_chem_comp.name
_chem_comp.formula
A1R non-polymer 5'-O-[(S)-{[(S)-{[(2R,3R,4S)-3,4-DIHYDROXYPYRROLIDIN-2-YL]METHOXY}(HYDROXY)PHOSPHORYL]OXY}(HYDROXY)PHOSPHORYL]ADENOSINE 'C15 H24 N6 O12 P2'
ZN non-polymer 'ZINC ION' 'Zn 2'
#
# COMPACT_ATOMS: atom_id res chain seq x y z
N MET A 12 7.38 16.43 -7.13
CA MET A 12 7.17 16.35 -5.65
C MET A 12 6.45 17.58 -4.94
N ALA A 13 6.43 18.73 -5.65
CA ALA A 13 5.71 19.96 -5.23
C ALA A 13 4.30 19.64 -4.75
N SER A 14 3.93 20.06 -3.50
CA SER A 14 2.51 19.96 -3.12
C SER A 14 1.79 21.26 -2.64
N MET A 15 0.49 21.19 -2.59
CA MET A 15 -0.37 22.21 -2.02
C MET A 15 -1.45 21.63 -1.16
N SER A 16 -2.03 22.51 -0.31
CA SER A 16 -3.12 22.14 0.50
C SER A 16 -4.42 21.81 -0.29
N VAL A 17 -5.22 20.91 0.22
CA VAL A 17 -6.45 20.49 -0.40
C VAL A 17 -7.55 21.61 -0.43
N SER A 18 -7.53 22.48 0.60
CA SER A 18 -8.49 23.58 0.64
C SER A 18 -7.93 24.77 1.41
N THR A 19 -8.74 25.80 1.56
CA THR A 19 -8.26 26.99 2.28
C THR A 19 -8.00 26.77 3.81
N ALA A 20 -8.81 25.94 4.43
CA ALA A 20 -8.55 25.34 5.79
C ALA A 20 -7.07 24.94 5.97
N SER A 21 -6.45 25.31 7.09
CA SER A 21 -5.10 24.88 7.42
C SER A 21 -5.23 23.65 8.34
N THR A 22 -4.32 22.66 8.07
CA THR A 22 -4.19 21.38 8.82
C THR A 22 -2.92 21.40 9.71
N GLU A 23 -2.19 22.51 9.71
CA GLU A 23 -0.93 22.62 10.44
C GLU A 23 -1.14 22.33 11.94
N MET A 24 -2.28 22.76 12.48
CA MET A 24 -2.52 22.61 13.94
C MET A 24 -2.84 21.18 14.29
N SER A 25 -3.70 20.56 13.47
CA SER A 25 -3.95 19.15 13.64
C SER A 25 -2.62 18.38 13.55
N VAL A 26 -1.76 18.74 12.56
CA VAL A 26 -0.55 17.99 12.35
C VAL A 26 0.40 18.16 13.55
N ARG A 27 0.44 19.40 14.04
CA ARG A 27 1.10 19.76 15.31
C ARG A 27 0.82 18.86 16.52
N LYS A 28 -0.43 18.52 16.78
CA LYS A 28 -0.78 17.52 17.78
C LYS A 28 0.00 16.16 17.65
N ILE A 29 0.20 15.71 16.37
CA ILE A 29 0.88 14.46 16.10
C ILE A 29 2.35 14.56 16.52
N ALA A 30 2.94 15.67 16.10
CA ALA A 30 4.25 15.96 16.55
C ALA A 30 4.35 16.06 18.12
N ALA A 31 3.32 16.61 18.76
CA ALA A 31 3.52 16.84 20.21
C ALA A 31 3.42 15.46 20.92
N HIS A 32 2.63 14.54 20.34
CA HIS A 32 2.52 13.23 20.95
C HIS A 32 3.81 12.46 20.81
N MET A 33 4.52 12.58 19.66
CA MET A 33 5.86 11.94 19.47
C MET A 33 6.94 12.63 20.35
N LYS A 34 6.81 13.93 20.59
CA LYS A 34 7.85 14.65 21.39
C LYS A 34 7.71 14.25 22.85
N SER A 35 6.47 14.11 23.33
CA SER A 35 6.15 13.66 24.68
C SER A 35 6.45 12.16 24.91
N ASN A 36 6.50 11.33 23.85
CA ASN A 36 6.78 9.90 24.01
C ASN A 36 7.97 9.54 23.12
N PRO A 37 9.14 10.00 23.50
CA PRO A 37 10.30 9.98 22.60
C PRO A 37 10.94 8.59 22.20
N ASN A 38 10.71 7.52 22.98
CA ASN A 38 11.16 6.11 22.62
C ASN A 38 10.00 5.22 21.97
N ALA A 39 8.92 5.90 21.57
CA ALA A 39 7.72 5.22 21.06
C ALA A 39 7.95 5.11 19.50
N LYS A 40 7.12 4.32 18.86
CA LYS A 40 7.26 4.00 17.36
C LYS A 40 5.81 4.03 16.84
N VAL A 41 5.66 4.09 15.49
CA VAL A 41 4.44 4.29 14.74
C VAL A 41 4.31 3.11 13.78
N ILE A 42 3.12 2.57 13.73
CA ILE A 42 2.67 1.65 12.71
C ILE A 42 1.80 2.44 11.63
N PHE A 43 2.18 2.33 10.36
CA PHE A 43 1.44 2.91 9.21
C PHE A 43 0.59 1.84 8.50
N MET A 44 -0.65 2.22 8.06
CA MET A 44 -1.47 1.33 7.17
C MET A 44 -1.83 2.20 5.99
N VAL A 45 -1.48 1.78 4.73
CA VAL A 45 -1.51 2.78 3.61
C VAL A 45 -2.13 2.05 2.41
N GLY A 46 -2.71 2.87 1.55
CA GLY A 46 -3.28 2.35 0.27
C GLY A 46 -2.96 3.30 -0.91
N ALA A 47 -3.75 3.18 -1.99
CA ALA A 47 -3.33 3.67 -3.31
C ALA A 47 -3.22 5.23 -3.34
N GLY A 48 -3.89 5.90 -2.38
CA GLY A 48 -3.82 7.37 -2.29
C GLY A 48 -2.31 7.85 -2.18
N ILE A 49 -1.41 7.14 -1.45
CA ILE A 49 -0.01 7.58 -1.27
C ILE A 49 0.91 7.54 -2.52
N SER A 50 0.47 6.82 -3.57
CA SER A 50 1.19 6.64 -4.87
C SER A 50 0.55 7.47 -6.05
N THR A 51 -0.55 8.23 -5.81
CA THR A 51 -1.23 9.04 -6.84
C THR A 51 -0.36 10.08 -7.35
N SER A 52 0.45 10.68 -6.50
CA SER A 52 1.35 11.71 -6.89
C SER A 52 2.51 11.16 -7.76
N CYS A 53 2.72 9.84 -7.76
CA CYS A 53 3.82 9.25 -8.56
C CYS A 53 3.46 9.12 -10.07
N GLY A 54 2.25 9.41 -10.42
CA GLY A 54 1.72 9.27 -11.82
C GLY A 54 1.22 7.84 -12.21
N ILE A 55 1.01 6.91 -11.23
CA ILE A 55 0.54 5.57 -11.46
C ILE A 55 -0.89 5.70 -12.00
N PRO A 56 -1.16 5.15 -13.24
CA PRO A 56 -2.55 5.23 -13.81
C PRO A 56 -3.47 4.30 -13.12
N ASP A 57 -4.62 4.82 -12.75
CA ASP A 57 -5.67 4.07 -12.07
C ASP A 57 -6.47 3.28 -13.20
N PHE A 58 -6.37 1.97 -13.09
CA PHE A 58 -6.99 1.03 -14.10
C PHE A 58 -8.55 1.18 -14.11
N ARG A 59 -9.11 1.74 -13.04
CA ARG A 59 -10.60 1.99 -12.99
C ARG A 59 -11.09 3.35 -13.52
N SER A 60 -10.10 4.20 -13.83
CA SER A 60 -10.37 5.49 -14.40
C SER A 60 -10.35 5.63 -15.92
N PRO A 61 -11.50 6.00 -16.51
CA PRO A 61 -11.55 6.25 -17.96
C PRO A 61 -10.66 7.32 -18.57
N GLY A 62 -10.06 8.13 -17.73
CA GLY A 62 -9.05 9.08 -18.23
C GLY A 62 -7.68 8.47 -18.56
N THR A 63 -7.47 7.17 -18.30
CA THR A 63 -6.16 6.56 -18.58
C THR A 63 -6.09 5.72 -19.87
N GLY A 64 -4.90 5.63 -20.45
CA GLY A 64 -4.60 4.76 -21.52
C GLY A 64 -4.78 3.26 -21.15
N LEU A 65 -4.45 2.90 -19.90
CA LEU A 65 -4.63 1.57 -19.33
C LEU A 65 -6.11 1.09 -19.39
N TYR A 66 -7.02 1.91 -18.84
CA TYR A 66 -8.43 1.68 -18.92
C TYR A 66 -8.89 1.37 -20.29
N HIS A 67 -8.51 2.18 -21.30
CA HIS A 67 -9.09 1.97 -22.64
C HIS A 67 -8.52 0.73 -23.40
N ASN A 68 -7.30 0.32 -23.09
CA ASN A 68 -6.67 -0.85 -23.61
C ASN A 68 -7.34 -2.07 -23.02
N LEU A 69 -7.71 -2.06 -21.74
CA LEU A 69 -8.36 -3.17 -21.08
C LEU A 69 -9.84 -3.28 -21.64
N ALA A 70 -10.49 -2.14 -21.84
CA ALA A 70 -11.84 -2.24 -22.38
C ALA A 70 -11.83 -2.86 -23.83
N ARG A 71 -10.91 -2.38 -24.68
CA ARG A 71 -10.72 -2.84 -26.05
C ARG A 71 -10.43 -4.33 -26.09
N LEU A 72 -9.68 -4.88 -25.11
CA LEU A 72 -9.41 -6.33 -24.98
C LEU A 72 -10.65 -7.13 -24.45
N LYS A 73 -11.77 -6.45 -24.26
CA LYS A 73 -13.01 -7.03 -23.75
C LYS A 73 -13.05 -7.42 -22.30
N LEU A 74 -12.18 -6.85 -21.47
CA LEU A 74 -12.38 -7.04 -20.01
C LEU A 74 -13.80 -6.56 -19.72
N PRO A 75 -14.57 -7.33 -18.97
CA PRO A 75 -15.97 -6.99 -18.67
C PRO A 75 -16.19 -5.84 -17.66
N TYR A 76 -15.29 -5.73 -16.66
CA TYR A 76 -15.25 -4.62 -15.68
C TYR A 76 -13.82 -4.62 -15.07
N PRO A 77 -13.36 -3.47 -14.53
CA PRO A 77 -11.92 -3.32 -14.12
C PRO A 77 -11.39 -4.41 -13.24
N GLU A 78 -12.08 -4.73 -12.16
CA GLU A 78 -11.54 -5.62 -11.16
C GLU A 78 -11.41 -7.12 -11.65
N ALA A 79 -11.91 -7.45 -12.84
CA ALA A 79 -11.76 -8.78 -13.40
C ALA A 79 -10.35 -9.06 -13.72
N VAL A 80 -9.57 -8.01 -13.93
CA VAL A 80 -8.11 -8.19 -14.19
C VAL A 80 -7.41 -8.88 -13.05
N PHE A 81 -8.01 -8.82 -11.85
CA PHE A 81 -7.45 -9.44 -10.64
C PHE A 81 -8.37 -10.57 -10.15
N ASP A 82 -8.96 -11.30 -11.09
CA ASP A 82 -9.92 -12.39 -10.77
C ASP A 82 -9.39 -13.69 -11.36
N VAL A 83 -9.36 -14.68 -10.49
CA VAL A 83 -8.67 -15.95 -10.88
C VAL A 83 -9.27 -16.69 -12.06
N ASP A 84 -10.56 -16.90 -11.96
CA ASP A 84 -11.32 -17.49 -13.04
C ASP A 84 -11.20 -16.75 -14.32
N PHE A 85 -11.29 -15.40 -14.28
CA PHE A 85 -11.03 -14.68 -15.50
C PHE A 85 -9.63 -14.84 -16.08
N PHE A 86 -8.60 -14.67 -15.24
CA PHE A 86 -7.23 -14.77 -15.77
C PHE A 86 -7.02 -16.19 -16.50
N GLN A 87 -7.56 -17.28 -15.93
CA GLN A 87 -7.38 -18.62 -16.48
C GLN A 87 -8.04 -18.78 -17.82
N SER A 88 -9.17 -18.12 -18.05
CA SER A 88 -9.85 -18.07 -19.36
C SER A 88 -9.17 -17.18 -20.36
N ASP A 89 -8.48 -16.10 -19.87
CA ASP A 89 -7.91 -15.15 -20.79
C ASP A 89 -6.85 -14.18 -19.99
N PRO A 90 -5.59 -14.56 -20.05
CA PRO A 90 -4.49 -13.83 -19.31
C PRO A 90 -4.04 -12.49 -19.96
N LEU A 91 -4.48 -12.18 -21.16
CA LEU A 91 -4.04 -10.99 -21.88
C LEU A 91 -4.27 -9.67 -21.17
N PRO A 92 -5.48 -9.40 -20.71
CA PRO A 92 -5.76 -8.17 -19.86
C PRO A 92 -4.68 -8.00 -18.72
N PHE A 93 -4.37 -9.08 -18.01
CA PHE A 93 -3.52 -8.99 -16.76
C PHE A 93 -2.14 -8.76 -17.25
N TYR A 94 -1.73 -9.43 -18.35
CA TYR A 94 -0.38 -9.19 -18.89
C TYR A 94 -0.15 -7.68 -19.39
N THR A 95 -1.13 -7.10 -20.07
CA THR A 95 -1.15 -5.71 -20.52
C THR A 95 -1.09 -4.70 -19.28
N LEU A 96 -1.83 -4.91 -18.19
CA LEU A 96 -1.73 -4.20 -16.94
C LEU A 96 -0.36 -4.32 -16.38
N ALA A 97 0.18 -5.53 -16.30
CA ALA A 97 1.57 -5.75 -15.73
C ALA A 97 2.63 -4.97 -16.53
N LYS A 98 2.45 -4.85 -17.85
CA LYS A 98 3.40 -4.16 -18.59
C LYS A 98 3.43 -2.69 -18.23
N GLU A 99 2.31 -2.10 -18.01
CA GLU A 99 2.23 -0.68 -17.69
C GLU A 99 2.66 -0.40 -16.20
N LEU A 100 2.37 -1.34 -15.29
CA LEU A 100 2.48 -1.08 -13.82
C LEU A 100 3.75 -1.68 -13.17
N TYR A 101 4.58 -2.31 -14.03
CA TYR A 101 5.62 -3.17 -13.49
C TYR A 101 6.59 -2.35 -12.61
N PRO A 102 6.98 -2.83 -11.39
CA PRO A 102 7.84 -2.03 -10.53
C PRO A 102 9.07 -1.60 -11.28
N GLY A 103 9.47 -0.37 -11.04
CA GLY A 103 10.65 0.22 -11.61
C GLY A 103 10.31 1.23 -12.70
N ASN A 104 9.04 1.32 -12.99
CA ASN A 104 8.62 2.26 -14.09
C ASN A 104 8.26 3.66 -13.43
N PHE A 105 8.21 3.72 -12.08
CA PHE A 105 7.75 4.89 -11.34
C PHE A 105 8.82 5.18 -10.28
N ARG A 106 8.74 6.37 -9.69
CA ARG A 106 9.63 6.77 -8.58
C ARG A 106 8.85 7.12 -7.27
N PRO A 107 9.41 6.84 -6.10
CA PRO A 107 8.67 7.05 -4.86
C PRO A 107 8.30 8.55 -4.60
N SER A 108 7.21 8.77 -3.87
CA SER A 108 6.73 10.11 -3.55
C SER A 108 7.51 10.67 -2.30
N LYS A 109 7.26 11.94 -2.03
CA LYS A 109 7.71 12.54 -0.77
C LYS A 109 7.18 11.73 0.47
N PHE A 110 5.95 11.19 0.40
CA PHE A 110 5.37 10.42 1.51
C PHE A 110 6.12 9.16 1.72
N HIS A 111 6.43 8.49 0.61
CA HIS A 111 7.31 7.29 0.67
C HIS A 111 8.69 7.49 1.40
N TYR A 112 9.29 8.62 1.11
CA TYR A 112 10.59 9.05 1.70
C TYR A 112 10.45 9.47 3.19
N LEU A 113 9.22 9.86 3.58
CA LEU A 113 8.93 10.04 5.07
C LEU A 113 8.99 8.70 5.84
N LEU A 114 8.46 7.61 5.26
CA LEU A 114 8.63 6.35 5.89
C LEU A 114 10.11 6.02 6.10
N LYS A 115 10.98 6.33 5.12
CA LYS A 115 12.39 6.05 5.14
C LYS A 115 13.07 6.97 6.22
N LEU A 116 12.64 8.23 6.26
CA LEU A 116 13.14 9.12 7.40
C LEU A 116 12.76 8.58 8.86
N PHE A 117 11.56 8.05 9.04
CA PHE A 117 11.09 7.55 10.31
C PHE A 117 11.94 6.35 10.71
N GLN A 118 12.22 5.47 9.74
CA GLN A 118 13.13 4.30 9.91
C GLN A 118 14.57 4.73 10.26
N ASP A 119 15.04 5.80 9.65
CA ASP A 119 16.35 6.30 9.95
C ASP A 119 16.42 6.89 11.41
N LYS A 120 15.29 7.37 11.95
CA LYS A 120 15.24 7.90 13.32
C LYS A 120 14.82 6.84 14.28
N ASP A 121 14.73 5.60 13.81
CA ASP A 121 14.24 4.53 14.62
C ASP A 121 12.85 4.71 15.24
N VAL A 122 11.89 5.35 14.54
CA VAL A 122 10.48 5.40 15.01
C VAL A 122 9.42 4.71 14.12
N LEU A 123 9.86 3.75 13.34
CA LEU A 123 8.96 2.92 12.49
C LEU A 123 8.91 1.53 13.06
N LYS A 124 7.79 1.15 13.67
CA LYS A 124 7.53 -0.24 14.00
C LYS A 124 7.21 -1.16 12.73
N ARG A 125 6.28 -0.70 11.88
CA ARG A 125 5.87 -1.52 10.69
C ARG A 125 5.12 -0.57 9.69
N VAL A 126 5.18 -0.91 8.39
CA VAL A 126 4.23 -0.42 7.40
C VAL A 126 3.38 -1.47 6.75
N TYR A 127 2.07 -1.44 6.89
CA TYR A 127 1.19 -2.45 6.26
C TYR A 127 0.67 -1.72 5.00
N THR A 128 0.96 -2.27 3.81
CA THR A 128 0.49 -1.71 2.53
C THR A 128 -0.41 -2.61 1.72
N GLN A 129 -1.50 -2.06 1.13
CA GLN A 129 -2.25 -2.84 0.20
C GLN A 129 -1.87 -2.54 -1.25
N ASN A 130 -0.91 -1.64 -1.49
CA ASN A 130 -0.43 -1.34 -2.87
C ASN A 130 0.49 -2.51 -3.36
N ILE A 131 0.55 -2.63 -4.69
CA ILE A 131 1.39 -3.61 -5.36
C ILE A 131 2.53 -2.94 -6.12
N ASP A 132 2.75 -1.67 -5.90
CA ASP A 132 3.79 -0.94 -6.61
C ASP A 132 5.19 -1.18 -6.00
N THR A 133 5.32 -1.59 -4.72
CA THR A 133 6.57 -1.86 -4.02
C THR A 133 7.38 -0.58 -3.87
N LEU A 134 6.78 0.58 -3.83
CA LEU A 134 7.44 1.82 -3.69
C LEU A 134 7.98 2.10 -2.23
N GLU A 135 7.44 1.45 -1.25
CA GLU A 135 8.02 1.56 0.12
C GLU A 135 9.44 0.92 0.11
N ARG A 136 9.59 -0.30 -0.41
CA ARG A 136 10.81 -0.97 -0.54
C ARG A 136 11.74 -0.26 -1.50
N GLN A 137 11.22 0.22 -2.63
CA GLN A 137 12.08 0.95 -3.58
C GLN A 137 12.70 2.19 -2.95
N ALA A 138 12.04 2.77 -2.01
CA ALA A 138 12.48 3.99 -1.33
C ALA A 138 13.52 3.71 -0.20
N GLY A 139 13.74 2.42 0.09
CA GLY A 139 14.71 1.93 1.05
C GLY A 139 14.15 1.55 2.43
N VAL A 140 12.84 1.37 2.58
CA VAL A 140 12.31 0.75 3.81
C VAL A 140 12.79 -0.69 3.83
N LYS A 141 13.21 -1.15 5.01
CA LYS A 141 13.76 -2.52 5.07
C LYS A 141 12.75 -3.59 5.06
N ASP A 142 13.23 -4.76 4.59
CA ASP A 142 12.34 -5.93 4.37
C ASP A 142 11.60 -6.36 5.64
N ASP A 143 12.34 -6.31 6.79
CA ASP A 143 11.73 -6.70 8.10
C ASP A 143 10.57 -5.72 8.51
N LEU A 144 10.60 -4.44 8.09
CA LEU A 144 9.53 -3.48 8.44
C LEU A 144 8.29 -3.39 7.55
N ILE A 145 8.27 -4.07 6.40
CA ILE A 145 7.15 -4.02 5.41
C ILE A 145 6.30 -5.24 5.42
N ILE A 146 5.02 -5.07 5.43
CA ILE A 146 4.10 -6.14 4.99
C ILE A 146 3.29 -5.78 3.78
N GLU A 147 3.52 -6.50 2.66
CA GLU A 147 2.87 -6.24 1.36
C GLU A 147 1.74 -7.20 1.41
N ALA A 148 0.63 -6.69 1.92
CA ALA A 148 -0.56 -7.54 2.27
C ALA A 148 -1.24 -8.17 1.04
N HIS A 149 -1.03 -7.48 -0.11
CA HIS A 149 -1.48 -7.97 -1.45
C HIS A 149 -0.47 -8.46 -2.42
N GLY A 150 0.72 -8.71 -1.92
CA GLY A 150 1.72 -9.43 -2.65
C GLY A 150 2.50 -8.41 -3.47
N SER A 151 3.26 -8.91 -4.44
CA SER A 151 4.06 -8.00 -5.32
C SER A 151 4.42 -8.86 -6.61
N PHE A 152 5.09 -8.22 -7.56
CA PHE A 152 5.80 -8.90 -8.65
C PHE A 152 7.17 -9.63 -8.38
N ALA A 153 7.72 -9.58 -7.16
CA ALA A 153 9.09 -9.96 -6.92
C ALA A 153 9.19 -11.53 -6.84
N HIS A 154 8.05 -12.18 -6.76
CA HIS A 154 7.99 -13.68 -6.85
C HIS A 154 6.91 -14.08 -7.87
N CYS A 155 7.01 -15.34 -8.36
CA CYS A 155 6.06 -15.93 -9.33
C CYS A 155 5.89 -17.41 -8.97
N HIS A 156 4.71 -17.95 -9.25
CA HIS A 156 4.36 -19.27 -8.89
C HIS A 156 3.27 -19.82 -9.93
N CYS A 157 3.26 -21.17 -10.01
CA CYS A 157 2.30 -21.93 -10.81
C CYS A 157 0.94 -21.96 -10.04
N ILE A 158 -0.19 -21.52 -10.68
CA ILE A 158 -1.47 -21.38 -10.00
C ILE A 158 -2.11 -22.75 -9.70
N GLY A 159 -1.60 -23.77 -10.34
CA GLY A 159 -2.05 -25.12 -10.33
C GLY A 159 -1.31 -25.97 -9.29
N CYS A 160 0.01 -26.07 -9.39
CA CYS A 160 0.86 -26.86 -8.47
C CYS A 160 1.80 -26.10 -7.37
N GLY A 161 1.96 -24.76 -7.46
CA GLY A 161 2.71 -23.91 -6.56
C GLY A 161 4.20 -23.92 -6.92
N LYS A 162 4.60 -24.57 -7.99
CA LYS A 162 6.05 -24.56 -8.26
C LYS A 162 6.54 -23.06 -8.40
N VAL A 163 7.80 -22.78 -7.91
CA VAL A 163 8.40 -21.44 -7.80
C VAL A 163 9.09 -21.10 -9.08
N TYR A 164 8.93 -19.90 -9.60
CA TYR A 164 9.66 -19.41 -10.80
C TYR A 164 10.31 -18.00 -10.42
N PRO A 165 11.49 -17.72 -10.98
CA PRO A 165 12.09 -16.38 -10.89
C PRO A 165 11.17 -15.43 -11.61
N PRO A 166 11.07 -14.19 -11.12
CA PRO A 166 10.14 -13.21 -11.73
C PRO A 166 10.57 -12.70 -13.08
N GLN A 167 11.84 -12.90 -13.47
CA GLN A 167 12.25 -12.53 -14.78
C GLN A 167 11.60 -13.20 -15.96
N VAL A 168 11.18 -14.47 -15.80
CA VAL A 168 10.68 -15.16 -17.06
C VAL A 168 9.30 -14.56 -17.45
N PHE A 169 8.55 -14.18 -16.42
CA PHE A 169 7.28 -13.40 -16.67
C PHE A 169 7.59 -12.00 -17.25
N LYS A 170 8.50 -11.27 -16.55
CA LYS A 170 8.89 -9.95 -17.04
C LYS A 170 9.32 -9.94 -18.54
N SER A 171 10.10 -10.96 -18.95
CA SER A 171 10.64 -10.92 -20.34
C SER A 171 9.53 -11.08 -21.44
N LYS A 172 8.45 -11.78 -21.05
CA LYS A 172 7.24 -11.81 -21.89
C LYS A 172 6.52 -10.43 -22.15
N LEU A 173 6.67 -9.47 -21.21
CA LEU A 173 6.03 -8.17 -21.33
C LEU A 173 6.66 -7.27 -22.38
N ALA A 174 7.86 -7.63 -22.77
CA ALA A 174 8.57 -6.88 -23.78
C ALA A 174 8.18 -7.30 -25.20
N GLU A 175 7.45 -8.38 -25.38
CA GLU A 175 7.12 -8.87 -26.77
C GLU A 175 5.96 -8.14 -27.55
N HIS A 176 6.11 -7.94 -28.89
CA HIS A 176 5.11 -7.33 -29.75
C HIS A 176 4.64 -8.32 -30.81
N PRO A 177 3.37 -8.87 -30.73
CA PRO A 177 2.40 -8.54 -29.65
C PRO A 177 2.68 -9.46 -28.42
N ILE A 178 2.10 -9.22 -27.23
CA ILE A 178 2.23 -10.21 -26.17
C ILE A 178 1.43 -11.47 -26.53
N LYS A 179 2.07 -12.67 -26.54
CA LYS A 179 1.43 -14.00 -26.65
C LYS A 179 2.20 -15.27 -26.09
N ASP A 180 1.52 -16.45 -26.12
CA ASP A 180 2.15 -17.71 -25.60
C ASP A 180 2.63 -17.35 -24.14
N PHE A 181 1.70 -17.25 -23.22
CA PHE A 181 1.91 -16.87 -21.84
C PHE A 181 2.73 -17.94 -21.11
N VAL A 182 3.39 -17.58 -20.00
CA VAL A 182 4.19 -18.54 -19.28
C VAL A 182 3.35 -19.69 -18.65
N LYS A 183 3.82 -20.90 -18.95
CA LYS A 183 3.17 -22.10 -18.41
C LYS A 183 4.12 -23.05 -17.68
N CYS A 184 3.61 -23.76 -16.70
CA CYS A 184 4.40 -24.47 -15.79
C CYS A 184 5.01 -25.64 -16.51
N ASP A 185 6.30 -25.92 -16.34
CA ASP A 185 6.95 -27.11 -16.90
C ASP A 185 6.69 -28.48 -16.17
N VAL A 186 6.03 -28.48 -15.02
CA VAL A 186 5.58 -29.60 -14.29
C VAL A 186 4.06 -29.91 -14.72
N CYS A 187 3.11 -29.07 -14.45
CA CYS A 187 1.66 -29.41 -14.54
C CYS A 187 0.99 -28.77 -15.77
N GLY A 188 1.66 -27.83 -16.45
CA GLY A 188 1.02 -27.15 -17.65
C GLY A 188 0.10 -25.91 -17.34
N GLU A 189 -0.23 -25.51 -16.11
CA GLU A 189 -1.14 -24.34 -15.89
C GLU A 189 -0.33 -23.02 -15.93
N LEU A 190 -1.04 -21.88 -15.87
CA LEU A 190 -0.44 -20.57 -15.95
C LEU A 190 0.40 -20.25 -14.73
N VAL A 191 1.51 -19.56 -14.98
CA VAL A 191 2.40 -19.06 -13.85
C VAL A 191 2.02 -17.56 -13.75
N LYS A 192 1.79 -17.05 -12.52
CA LYS A 192 1.58 -15.59 -12.45
C LYS A 192 2.42 -14.96 -11.28
N PRO A 193 2.64 -13.64 -11.28
CA PRO A 193 3.23 -12.98 -10.12
C PRO A 193 2.49 -13.27 -8.85
N ALA A 194 3.20 -13.26 -7.71
CA ALA A 194 2.61 -13.42 -6.38
C ALA A 194 1.76 -12.21 -5.86
N ILE A 195 0.89 -11.71 -6.74
CA ILE A 195 -0.14 -10.72 -6.47
C ILE A 195 -1.37 -11.48 -6.02
N VAL A 196 -1.88 -11.13 -4.86
CA VAL A 196 -3.16 -11.60 -4.34
C VAL A 196 -4.31 -11.05 -5.19
N PHE A 197 -5.01 -12.04 -5.73
CA PHE A 197 -6.24 -11.77 -6.53
C PHE A 197 -7.52 -11.87 -5.68
N PHE A 198 -8.56 -11.20 -6.11
CA PHE A 198 -9.90 -11.25 -5.41
C PHE A 198 -10.27 -12.73 -5.31
N GLY A 199 -10.74 -13.18 -4.17
CA GLY A 199 -11.01 -14.59 -3.94
C GLY A 199 -9.78 -15.46 -3.53
N GLU A 200 -8.55 -14.93 -3.45
CA GLU A 200 -7.44 -15.71 -2.79
C GLU A 200 -7.17 -15.25 -1.38
N ASP A 201 -6.62 -16.13 -0.57
CA ASP A 201 -6.12 -15.67 0.70
C ASP A 201 -4.81 -14.82 0.53
N LEU A 202 -4.60 -14.01 1.57
CA LEU A 202 -3.39 -13.16 1.62
C LEU A 202 -2.21 -14.04 2.14
N PRO A 203 -0.93 -13.68 1.95
CA PRO A 203 0.16 -14.41 2.53
C PRO A 203 0.08 -14.55 4.11
N ASP A 204 0.60 -15.70 4.56
CA ASP A 204 0.53 -15.98 6.00
C ASP A 204 1.23 -14.91 6.84
N SER A 205 2.28 -14.27 6.36
CA SER A 205 2.98 -13.22 7.16
C SER A 205 2.07 -12.01 7.58
N PHE A 206 0.96 -11.85 6.89
CA PHE A 206 0.05 -10.73 7.12
C PHE A 206 -0.57 -10.98 8.54
N SER A 207 -1.26 -12.09 8.63
CA SER A 207 -2.02 -12.50 9.90
C SER A 207 -1.03 -12.73 11.08
N GLU A 208 0.15 -13.33 10.76
CA GLU A 208 1.21 -13.57 11.77
C GLU A 208 1.82 -12.28 12.34
N THR A 209 2.06 -11.28 11.50
CA THR A 209 2.72 -10.11 11.98
C THR A 209 1.69 -9.22 12.64
N TRP A 210 0.45 -9.22 12.18
CA TRP A 210 -0.51 -8.41 12.88
C TRP A 210 -0.78 -8.98 14.32
N LEU A 211 -0.82 -10.29 14.42
CA LEU A 211 -0.94 -10.97 15.75
C LEU A 211 0.16 -10.42 16.72
N ASN A 212 1.42 -10.41 16.29
CA ASN A 212 2.57 -9.93 17.07
C ASN A 212 2.50 -8.43 17.36
N ASP A 213 1.97 -7.58 16.41
CA ASP A 213 2.02 -6.16 16.48
C ASP A 213 0.81 -5.76 17.34
N SER A 214 -0.25 -6.56 17.37
CA SER A 214 -1.45 -6.34 18.20
C SER A 214 -1.15 -6.58 19.69
N GLU A 215 -0.52 -7.74 19.97
CA GLU A 215 0.17 -7.93 21.28
C GLU A 215 1.12 -6.76 21.68
N TRP A 216 2.10 -6.34 20.84
CA TRP A 216 2.98 -5.25 21.11
C TRP A 216 2.27 -3.92 21.41
N LEU A 217 1.18 -3.64 20.69
CA LEU A 217 0.44 -2.43 20.90
C LEU A 217 -0.23 -2.51 22.35
N ARG A 218 -0.97 -3.57 22.65
CA ARG A 218 -1.60 -3.75 24.00
C ARG A 218 -0.56 -3.57 25.17
N GLU A 219 0.64 -4.19 25.03
CA GLU A 219 1.71 -4.15 26.07
C GLU A 219 2.29 -2.79 26.38
N LYS A 220 2.38 -1.96 25.36
CA LYS A 220 2.88 -0.56 25.49
C LYS A 220 1.88 0.38 26.20
N ILE A 221 0.55 0.07 26.10
CA ILE A 221 -0.48 0.91 26.72
C ILE A 221 -0.31 0.95 28.23
N GLN A 229 6.32 5.91 26.54
CA GLN A 229 6.45 5.40 25.19
C GLN A 229 5.11 4.94 24.64
N GLN A 230 4.05 5.74 24.62
CA GLN A 230 2.76 5.40 24.03
C GLN A 230 2.83 5.43 22.39
N PRO A 231 2.37 4.35 21.73
CA PRO A 231 2.55 4.23 20.26
C PRO A 231 1.42 5.00 19.55
N LEU A 232 1.53 5.03 18.19
CA LEU A 232 0.62 5.73 17.34
C LEU A 232 0.45 4.78 16.12
N VAL A 233 -0.78 4.67 15.66
CA VAL A 233 -1.11 4.09 14.30
C VAL A 233 -1.73 5.17 13.38
N ILE A 234 -1.08 5.39 12.21
CA ILE A 234 -1.48 6.42 11.24
C ILE A 234 -1.92 5.71 9.93
N VAL A 235 -3.21 5.86 9.50
CA VAL A 235 -3.83 5.20 8.33
C VAL A 235 -3.85 6.33 7.22
N VAL A 236 -3.26 6.05 6.07
CA VAL A 236 -3.04 7.05 4.98
C VAL A 236 -3.43 6.52 3.56
N GLY A 237 -4.38 7.22 2.91
CA GLY A 237 -4.74 7.04 1.50
C GLY A 237 -5.37 5.77 1.13
N THR A 238 -6.38 5.33 1.88
CA THR A 238 -7.01 4.10 1.68
C THR A 238 -8.51 4.26 1.97
N SER A 239 -9.33 3.72 1.09
CA SER A 239 -10.77 3.75 1.22
C SER A 239 -11.35 2.74 2.28
N LEU A 240 -10.50 1.83 2.74
CA LEU A 240 -10.87 0.76 3.69
C LEU A 240 -12.07 0.04 3.15
N ALA A 241 -11.97 -0.47 1.90
CA ALA A 241 -13.04 -1.13 1.23
C ALA A 241 -12.71 -2.52 0.89
N VAL A 242 -11.48 -2.93 1.08
CA VAL A 242 -11.11 -4.32 0.73
C VAL A 242 -10.66 -5.03 2.01
N TYR A 243 -11.32 -6.15 2.26
CA TYR A 243 -11.06 -7.03 3.42
C TYR A 243 -10.21 -8.18 2.97
N PRO A 244 -9.48 -8.79 3.89
CA PRO A 244 -9.44 -8.47 5.32
C PRO A 244 -8.57 -7.36 5.73
N PHE A 245 -7.77 -6.74 4.82
CA PHE A 245 -7.03 -5.51 5.20
C PHE A 245 -7.80 -4.48 5.97
N ALA A 246 -9.01 -4.25 5.52
CA ALA A 246 -9.69 -3.15 6.09
C ALA A 246 -10.21 -3.50 7.52
N SER A 247 -10.04 -4.72 7.99
CA SER A 247 -10.39 -5.04 9.36
C SER A 247 -9.37 -4.51 10.36
N LEU A 248 -8.13 -4.19 9.93
CA LEU A 248 -7.12 -3.72 10.89
C LEU A 248 -7.49 -2.51 11.76
N PRO A 249 -8.05 -1.42 11.22
CA PRO A 249 -8.29 -0.26 12.09
C PRO A 249 -9.33 -0.56 13.23
N GLU A 250 -10.38 -1.31 13.01
CA GLU A 250 -11.33 -1.71 14.12
C GLU A 250 -10.58 -2.57 15.22
N GLU A 251 -9.54 -3.27 14.78
CA GLU A 251 -8.75 -4.17 15.63
C GLU A 251 -7.69 -3.39 16.36
N ILE A 252 -7.53 -2.08 16.13
CA ILE A 252 -6.58 -1.33 16.96
C ILE A 252 -7.12 -1.15 18.43
N PRO A 253 -6.30 -1.37 19.48
CA PRO A 253 -6.75 -1.08 20.88
C PRO A 253 -7.30 0.32 21.11
N ARG A 254 -8.45 0.29 21.76
CA ARG A 254 -9.19 1.49 22.11
C ARG A 254 -8.37 2.57 22.75
N LYS A 255 -7.36 2.18 23.52
CA LYS A 255 -6.54 3.16 24.24
C LYS A 255 -5.24 3.54 23.54
N VAL A 256 -5.06 3.07 22.28
CA VAL A 256 -3.95 3.53 21.36
C VAL A 256 -4.57 4.49 20.32
N LYS A 257 -4.02 5.65 20.31
CA LYS A 257 -4.49 6.76 19.52
C LYS A 257 -4.39 6.44 17.98
N ARG A 258 -5.54 6.50 17.30
CA ARG A 258 -5.65 6.44 15.81
C ARG A 258 -5.60 7.84 15.13
N VAL A 259 -4.82 7.96 14.01
CA VAL A 259 -4.81 9.10 13.08
C VAL A 259 -5.18 8.64 11.62
N LEU A 260 -5.96 9.46 10.90
CA LEU A 260 -6.42 9.18 9.52
C LEU A 260 -6.02 10.38 8.73
N CYS A 261 -5.11 10.22 7.76
CA CYS A 261 -4.81 11.24 6.78
C CYS A 261 -5.42 10.74 5.43
N ASN A 262 -6.55 11.33 5.03
CA ASN A 262 -7.35 10.82 3.86
C ASN A 262 -8.26 11.93 3.41
N LEU A 263 -8.35 12.15 2.11
CA LEU A 263 -9.28 13.21 1.65
C LEU A 263 -10.71 13.05 2.20
N GLU A 264 -11.19 11.84 2.44
CA GLU A 264 -12.52 11.64 2.97
C GLU A 264 -12.43 10.73 4.23
N THR A 265 -13.44 10.88 5.12
CA THR A 265 -13.60 10.02 6.31
C THR A 265 -14.19 8.64 5.94
N VAL A 266 -13.49 7.51 6.25
CA VAL A 266 -13.87 6.24 5.64
C VAL A 266 -13.79 5.19 6.76
N GLY A 267 -14.43 4.08 6.49
CA GLY A 267 -14.38 2.79 7.20
C GLY A 267 -14.71 3.00 8.66
N ASP A 268 -13.88 2.48 9.54
CA ASP A 268 -14.27 2.41 10.92
C ASP A 268 -14.16 3.81 11.54
N PHE A 269 -13.49 4.74 10.85
CA PHE A 269 -13.46 6.07 11.38
C PHE A 269 -14.77 6.82 11.09
N LYS A 270 -15.50 6.44 10.06
CA LYS A 270 -16.84 6.99 9.79
C LYS A 270 -17.85 6.26 10.60
N ALA A 271 -17.75 4.91 10.64
CA ALA A 271 -18.77 4.07 11.21
C ALA A 271 -18.82 4.04 12.79
N ASN A 272 -17.66 4.08 13.42
CA ASN A 272 -17.50 3.92 14.89
C ASN A 272 -16.45 4.82 15.39
N LYS A 273 -16.65 6.12 15.30
CA LYS A 273 -15.61 7.08 15.73
C LYS A 273 -15.25 6.99 17.21
N ARG A 274 -13.99 7.25 17.53
CA ARG A 274 -13.54 7.26 18.90
C ARG A 274 -13.17 8.70 19.33
N PRO A 275 -13.42 9.02 20.60
CA PRO A 275 -13.08 10.33 21.13
C PRO A 275 -11.71 10.79 20.82
N THR A 276 -10.72 9.89 20.92
CA THR A 276 -9.30 10.28 20.65
C THR A 276 -8.89 10.17 19.11
N ASP A 277 -9.78 9.73 18.25
CA ASP A 277 -9.49 9.66 16.78
C ASP A 277 -9.13 11.06 16.33
N LEU A 278 -8.03 11.24 15.58
CA LEU A 278 -7.75 12.49 14.89
C LEU A 278 -7.89 12.33 13.31
N ILE A 279 -8.76 13.15 12.70
CA ILE A 279 -9.02 13.16 11.26
C ILE A 279 -8.32 14.35 10.61
N VAL A 280 -7.41 14.13 9.62
CA VAL A 280 -6.66 15.12 8.87
C VAL A 280 -7.01 14.91 7.32
N HIS A 281 -7.86 15.79 6.82
CA HIS A 281 -8.28 15.76 5.41
C HIS A 281 -7.20 16.43 4.62
N GLN A 282 -6.21 15.72 4.14
CA GLN A 282 -5.10 16.40 3.44
C GLN A 282 -4.45 15.38 2.48
N TYR A 283 -3.78 15.88 1.41
CA TYR A 283 -2.98 15.01 0.48
C TYR A 283 -1.82 14.44 1.27
N SER A 284 -1.52 13.19 1.03
CA SER A 284 -0.39 12.58 1.69
C SER A 284 0.91 13.32 1.58
N ASP A 285 1.26 13.96 0.41
CA ASP A 285 2.49 14.59 0.26
C ASP A 285 2.63 15.92 1.15
N GLU A 286 1.53 16.57 1.27
CA GLU A 286 1.39 17.91 1.94
C GLU A 286 1.47 17.58 3.48
N PHE A 287 0.75 16.57 3.91
CA PHE A 287 0.80 15.91 5.32
C PHE A 287 2.24 15.58 5.66
N ALA A 288 2.98 14.94 4.77
CA ALA A 288 4.41 14.66 4.96
C ALA A 288 5.26 15.95 5.26
N GLU A 289 5.14 16.89 4.38
CA GLU A 289 5.89 18.14 4.47
C GLU A 289 5.57 18.94 5.78
N GLN A 290 4.30 18.89 6.20
CA GLN A 290 3.86 19.55 7.43
C GLN A 290 4.38 18.79 8.64
N LEU A 291 4.56 17.50 8.55
CA LEU A 291 4.87 16.69 9.69
C LEU A 291 6.31 16.82 10.00
N VAL A 292 7.12 16.80 8.99
CA VAL A 292 8.52 16.96 9.04
C VAL A 292 8.87 18.37 9.58
N GLU A 293 8.17 19.36 9.06
CA GLU A 293 8.29 20.73 9.65
C GLU A 293 7.93 20.73 11.21
N GLU A 294 6.79 20.29 11.63
CA GLU A 294 6.45 20.25 13.06
C GLU A 294 7.39 19.33 13.89
N LEU A 295 8.06 18.30 13.28
CA LEU A 295 9.08 17.52 14.01
C LEU A 295 10.43 18.15 14.11
N GLY A 296 10.76 19.10 13.22
CA GLY A 296 12.11 19.66 13.18
C GLY A 296 13.09 18.85 12.37
N TRP A 297 12.60 17.92 11.48
CA TRP A 297 13.51 17.08 10.73
C TRP A 297 13.83 17.54 9.28
N GLN A 298 13.58 18.83 9.02
CA GLN A 298 13.74 19.43 7.65
C GLN A 298 15.07 19.16 7.04
N GLU A 299 16.15 19.30 7.81
CA GLU A 299 17.52 19.06 7.31
C GLU A 299 17.83 17.60 6.85
N ASP A 300 17.55 16.58 7.65
CA ASP A 300 17.72 15.13 7.30
C ASP A 300 16.78 14.66 6.09
N PHE A 301 15.54 15.13 6.13
CA PHE A 301 14.59 15.00 4.99
C PHE A 301 15.16 15.56 3.70
N GLU A 302 15.53 16.85 3.72
CA GLU A 302 16.16 17.45 2.54
C GLU A 302 17.33 16.62 2.02
N LYS A 303 18.13 15.97 2.86
CA LYS A 303 19.23 15.10 2.34
C LYS A 303 18.68 13.82 1.66
N ILE A 304 17.73 13.14 2.28
CA ILE A 304 17.10 11.97 1.65
C ILE A 304 16.53 12.37 0.25
N LEU A 305 15.79 13.50 0.19
CA LEU A 305 15.18 13.96 -1.06
C LEU A 305 16.23 14.28 -2.14
N THR A 306 17.43 14.78 -1.78
CA THR A 306 18.45 15.09 -2.82
C THR A 306 19.41 13.93 -3.15
N ALA A 307 19.25 12.75 -2.57
CA ALA A 307 20.16 11.60 -2.88
C ALA A 307 19.48 10.41 -3.58
N LYS B 1 -8.02 -15.64 10.18
CA LYS B 1 -6.90 -15.06 9.38
C LYS B 1 -7.42 -13.95 8.47
N GLY B 2 -8.74 -13.87 8.36
CA GLY B 2 -9.35 -12.84 7.54
C GLY B 2 -10.10 -13.33 6.32
N GLY B 3 -9.67 -14.45 5.76
CA GLY B 3 -10.35 -14.98 4.59
C GLY B 3 -9.70 -14.53 3.29
N ALA B 4 -10.37 -14.81 2.18
CA ALA B 4 -9.85 -14.45 0.87
C ALA B 4 -10.07 -12.99 0.51
OH ALY B 5 -5.92 -5.14 -4.64
CH ALY B 5 -5.45 -6.25 -5.13
CH3 ALY B 5 -4.40 -6.24 -6.21
NZ ALY B 5 -5.88 -7.52 -4.70
CE ALY B 5 -6.90 -7.50 -3.63
CD ALY B 5 -6.93 -8.87 -2.98
CG ALY B 5 -8.11 -9.08 -2.06
CB ALY B 5 -8.12 -10.54 -1.65
CA ALY B 5 -9.22 -10.92 -0.66
N ALY B 5 -9.12 -12.32 -0.28
C ALY B 5 -10.61 -10.55 -1.17
O ALY B 5 -11.12 -11.20 -2.09
N ARG B 6 -11.32 -9.73 -0.84
CA ARG B 6 -12.69 -9.41 -1.23
C ARG B 6 -13.14 -8.02 -0.76
N HIS B 7 -14.34 -7.63 -1.20
CA HIS B 7 -14.93 -6.36 -0.80
C HIS B 7 -15.93 -6.67 0.31
N ARG B 8 -16.19 -5.71 1.19
CA ARG B 8 -17.11 -5.89 2.29
C ARG B 8 -16.59 -6.96 3.26
ZN ZN C . 2.49 -26.38 -11.95
N1 A1R D . -3.54 11.86 -0.14
C2 A1R D . -4.36 11.21 0.82
N3 A1R D . -5.46 10.34 0.45
C4 A1R D . -5.66 10.21 -0.98
C5 A1R D . -4.92 10.80 -2.02
C6 A1R D . -3.80 11.69 -1.56
N6 A1R D . -2.94 12.38 -2.46
N7 A1R D . -5.42 10.43 -3.25
C8 A1R D . -6.45 9.61 -2.98
N9 A1R D . -6.62 9.45 -1.60
C1' A1R D . -7.58 8.65 -0.82
C2' A1R D . -8.99 8.53 -1.22
O2' A1R D . -9.83 9.45 -0.47
C3' A1R D . -9.35 7.11 -0.99
O3' A1R D . -10.11 6.83 0.21
O4' A1R D . -7.02 7.37 -0.83
C4' A1R D . -8.04 6.34 -0.95
C5' A1R D . -7.69 5.48 -2.20
O5' A1R D . -8.70 4.44 -2.38
PA A1R D . -8.65 3.41 -3.51
O1A A1R D . -8.52 4.02 -4.85
O2A A1R D . -9.83 2.55 -3.40
O3A A1R D . -7.52 2.39 -3.29
PB A1R D . -7.02 1.46 -2.24
O1B A1R D . -7.84 1.55 -1.04
O2B A1R D . -5.72 1.60 -1.72
O5N A1R D . -7.48 0.21 -2.98
C5N A1R D . -7.12 -0.41 -4.13
N4N A1R D . -7.20 -0.87 -6.21
C1N A1R D . -7.50 -2.20 -6.81
O2N A1R D . -9.49 -2.33 -7.06
C2N A1R D . -8.51 -2.80 -6.10
O3N A1R D . -10.35 -1.70 -4.70
C3N A1R D . -8.98 -2.01 -5.00
C4N A1R D . -8.14 -0.75 -5.05
#